data_9CLQ
#
_entry.id   9CLQ
#
_cell.length_a   97.836
_cell.length_b   97.836
_cell.length_c   69.292
_cell.angle_alpha   90.000
_cell.angle_beta   90.000
_cell.angle_gamma   120.000
#
_symmetry.space_group_name_H-M   'P 31 2 1'
#
loop_
_entity.id
_entity.type
_entity.pdbx_description
1 polymer 'Pantothenate kinase 3'
2 non-polymer 2-(4-cyclopropyl-2-fluorophenyl)-1-[4-(6-fluoro[1,3]oxazolo[4,5-b]pyridin-2-yl)piperazin-1-yl]ethan-1-one
3 non-polymer 'ACETATE ION'
4 non-polymer 1,2-ETHANEDIOL
5 non-polymer 'PHOSPHOAMINOPHOSPHONIC ACID-ADENYLATE ESTER'
6 non-polymer 'MAGNESIUM ION'
7 water water
#
_entity_poly.entity_id   1
_entity_poly.type   'polypeptide(L)'
_entity_poly.pdbx_seq_one_letter_code
;MGSSHHHHHHSSGLVPRGSPWFGMDIGGTLVKLSYFEPIDITAEEEQEEVESLKSIRKYLTSNVAYGSTGIRDVHLELKD
LTLFGRRGNLHFIRFPTQDLPTFIQMGRDKNFSTLQTVLCATGGGAYKFEKDFRTIGNLHLHKLDELDCLVKGLLYIDSV
SFNGQAECYYFANASEPERCQKMPFNLDDPYPLLVVNIGSGVSILAVHSKDNYKRVTGTSLGGGTFLGLCSLLTGCESFE
EALEMASKGDSTQADKLVRDIYGGDYERFGLPGWAVASSFGNMIYKEKRESVSKEDLARATLVTITNNIGSVARMCAVNE
KINRVVFVGNFLRVNTLSMKLLAYALDYWSKGQLKALFLEHEGYFGAVGALLGLPNFSDD
;
_entity_poly.pdbx_strand_id   A
#
loop_
_chem_comp.id
_chem_comp.type
_chem_comp.name
_chem_comp.formula
A1AZA non-polymer 2-(4-cyclopropyl-2-fluorophenyl)-1-[4-(6-fluoro[1,3]oxazolo[4,5-b]pyridin-2-yl)piperazin-1-yl]ethan-1-one 'C21 H20 F2 N4 O2'
ACT non-polymer 'ACETATE ION' 'C2 H3 O2 -1'
ANP non-polymer 'PHOSPHOAMINOPHOSPHONIC ACID-ADENYLATE ESTER' 'C10 H17 N6 O12 P3'
EDO non-polymer 1,2-ETHANEDIOL 'C2 H6 O2'
MG non-polymer 'MAGNESIUM ION' 'Mg 2'
#
# COMPACT_ATOMS: atom_id res chain seq x y z
N SER A 19 25.49 11.96 -6.47
CA SER A 19 24.55 10.87 -6.67
C SER A 19 23.11 11.38 -6.68
N PRO A 20 22.29 10.83 -7.57
CA PRO A 20 20.85 11.09 -7.50
C PRO A 20 20.27 10.54 -6.19
N TRP A 21 19.25 11.22 -5.68
CA TRP A 21 18.67 10.89 -4.38
C TRP A 21 17.48 9.96 -4.60
N PHE A 22 17.66 8.68 -4.25
CA PHE A 22 16.67 7.62 -4.41
C PHE A 22 16.40 6.97 -3.06
N GLY A 23 15.17 6.48 -2.89
CA GLY A 23 14.86 5.49 -1.87
C GLY A 23 14.10 4.35 -2.52
N MET A 24 14.41 3.10 -2.15
CA MET A 24 13.79 1.96 -2.81
C MET A 24 13.25 0.97 -1.79
N ASP A 25 12.04 0.49 -2.05
CA ASP A 25 11.38 -0.53 -1.25
C ASP A 25 11.09 -1.68 -2.20
N ILE A 26 11.87 -2.76 -2.09
CA ILE A 26 11.72 -3.91 -2.96
C ILE A 26 10.87 -4.94 -2.21
N GLY A 27 9.58 -4.98 -2.55
CA GLY A 27 8.68 -5.93 -1.95
C GLY A 27 8.62 -7.24 -2.70
N GLY A 28 7.80 -8.16 -2.18
CA GLY A 28 7.61 -9.43 -2.87
C GLY A 28 6.94 -9.29 -4.22
N THR A 29 6.14 -8.24 -4.40
CA THR A 29 5.36 -8.05 -5.63
C THR A 29 5.78 -6.81 -6.40
N LEU A 30 5.92 -5.68 -5.73
CA LEU A 30 6.19 -4.40 -6.38
C LEU A 30 7.44 -3.77 -5.80
N VAL A 31 8.22 -3.13 -6.67
CA VAL A 31 9.29 -2.23 -6.25
C VAL A 31 8.73 -0.82 -6.23
N LYS A 32 8.93 -0.12 -5.14
CA LYS A 32 8.52 1.26 -5.02
C LYS A 32 9.78 2.12 -4.94
N LEU A 33 9.78 3.21 -5.68
CA LEU A 33 10.94 4.08 -5.75
C LEU A 33 10.51 5.52 -5.52
N SER A 34 11.16 6.21 -4.60
CA SER A 34 10.98 7.64 -4.41
C SER A 34 12.22 8.35 -4.92
N TYR A 35 12.02 9.37 -5.75
CA TYR A 35 13.11 10.06 -6.40
C TYR A 35 12.96 11.56 -6.16
N PHE A 36 14.00 12.19 -5.64
CA PHE A 36 14.01 13.63 -5.38
C PHE A 36 14.64 14.33 -6.58
N GLU A 37 13.83 15.09 -7.33
CA GLU A 37 14.31 15.84 -8.48
C GLU A 37 14.63 17.25 -8.05
N PRO A 38 15.91 17.66 -8.00
CA PRO A 38 16.22 19.03 -7.59
C PRO A 38 15.72 20.03 -8.61
N ILE A 39 15.16 21.13 -8.10
CA ILE A 39 14.65 22.20 -8.96
C ILE A 39 15.37 23.52 -8.72
N ASP A 40 16.38 23.54 -7.85
CA ASP A 40 17.17 24.73 -7.57
C ASP A 40 18.58 24.60 -8.14
N ILE A 41 18.71 23.97 -9.30
CA ILE A 41 20.02 23.75 -9.90
C ILE A 41 20.54 25.07 -10.46
N THR A 42 21.73 25.46 -10.04
CA THR A 42 22.35 26.68 -10.53
C THR A 42 23.02 26.44 -11.88
N ALA A 43 23.45 27.54 -12.50
CA ALA A 43 24.16 27.44 -13.78
C ALA A 43 25.46 26.65 -13.63
N GLU A 44 26.19 26.90 -12.54
CA GLU A 44 27.44 26.17 -12.32
C GLU A 44 27.19 24.70 -12.02
N GLU A 45 26.17 24.40 -11.21
CA GLU A 45 25.85 23.01 -10.91
C GLU A 45 25.42 22.27 -12.17
N GLU A 46 24.72 22.96 -13.07
CA GLU A 46 24.28 22.33 -14.32
C GLU A 46 25.47 21.96 -15.20
N GLN A 47 26.49 22.81 -15.22
CA GLN A 47 27.69 22.50 -16.00
C GLN A 47 28.44 21.31 -15.42
N GLU A 48 28.61 21.29 -14.10
CA GLU A 48 29.36 20.22 -13.43
C GLU A 48 28.51 18.96 -13.30
N GLU A 49 27.59 18.73 -14.22
CA GLU A 49 26.69 17.58 -14.19
C GLU A 49 27.07 16.59 -15.28
N VAL A 50 27.14 15.31 -14.91
CA VAL A 50 27.46 14.26 -15.87
C VAL A 50 26.31 14.09 -16.86
N GLU A 51 26.66 13.80 -18.11
CA GLU A 51 25.65 13.57 -19.14
C GLU A 51 24.73 12.41 -18.77
N SER A 52 25.27 11.37 -18.11
CA SER A 52 24.44 10.24 -17.71
C SER A 52 23.41 10.67 -16.66
N LEU A 53 23.80 11.54 -15.74
CA LEU A 53 22.87 12.03 -14.73
C LEU A 53 21.80 12.92 -15.36
N LYS A 54 22.19 13.78 -16.29
CA LYS A 54 21.20 14.57 -17.03
C LYS A 54 20.25 13.66 -17.80
N SER A 55 20.79 12.59 -18.38
CA SER A 55 19.95 11.66 -19.14
C SER A 55 18.94 10.96 -18.24
N ILE A 56 19.37 10.57 -17.03
CA ILE A 56 18.46 9.91 -16.11
C ILE A 56 17.38 10.88 -15.63
N ARG A 57 17.78 12.08 -15.20
CA ARG A 57 16.81 13.05 -14.72
C ARG A 57 15.81 13.42 -15.82
N LYS A 58 16.30 13.58 -17.05
CA LYS A 58 15.41 13.85 -18.18
C LYS A 58 14.48 12.67 -18.42
N TYR A 59 15.04 11.46 -18.46
CA TYR A 59 14.25 10.27 -18.72
C TYR A 59 13.14 10.08 -17.68
N LEU A 60 13.47 10.32 -16.41
CA LEU A 60 12.49 10.11 -15.34
C LEU A 60 11.42 11.20 -15.34
N THR A 61 11.81 12.45 -15.59
CA THR A 61 10.85 13.55 -15.53
C THR A 61 10.11 13.79 -16.85
N SER A 62 10.55 13.19 -17.95
CA SER A 62 9.87 13.38 -19.24
C SER A 62 8.96 12.23 -19.62
N ASN A 63 9.00 11.12 -18.88
CA ASN A 63 8.16 9.96 -19.15
C ASN A 63 7.33 9.63 -17.92
N VAL A 64 6.11 9.17 -18.16
CA VAL A 64 5.27 8.65 -17.08
C VAL A 64 5.20 7.13 -17.10
N ALA A 65 5.58 6.50 -18.22
CA ALA A 65 5.69 5.05 -18.32
C ALA A 65 7.14 4.72 -18.65
N TYR A 66 7.70 3.74 -17.93
CA TYR A 66 9.09 3.36 -18.08
C TYR A 66 9.16 1.94 -18.61
N GLY A 67 9.62 1.77 -19.85
CA GLY A 67 9.56 0.45 -20.43
C GLY A 67 8.12 -0.02 -20.53
N SER A 68 7.93 -1.32 -20.36
CA SER A 68 6.59 -1.89 -20.47
C SER A 68 5.85 -2.00 -19.15
N THR A 69 6.53 -1.92 -18.00
CA THR A 69 5.88 -2.16 -16.73
C THR A 69 6.12 -1.10 -15.66
N GLY A 70 6.96 -0.10 -15.91
CA GLY A 70 7.21 0.94 -14.92
C GLY A 70 6.20 2.08 -15.06
N ILE A 71 5.77 2.62 -13.93
CA ILE A 71 4.76 3.68 -13.91
C ILE A 71 5.19 4.74 -12.89
N ARG A 72 5.11 6.01 -13.30
CA ARG A 72 5.25 7.13 -12.37
C ARG A 72 3.85 7.61 -11.99
N ASP A 73 3.56 7.60 -10.69
CA ASP A 73 2.28 8.07 -10.16
C ASP A 73 2.33 9.58 -10.03
N VAL A 74 2.05 10.27 -11.14
CA VAL A 74 2.26 11.71 -11.23
C VAL A 74 1.38 12.47 -10.23
N HIS A 75 0.17 11.97 -9.96
CA HIS A 75 -0.74 12.66 -9.07
C HIS A 75 -0.26 12.68 -7.62
N LEU A 76 0.69 11.83 -7.25
CA LEU A 76 1.23 11.77 -5.90
C LEU A 76 2.42 12.70 -5.69
N GLU A 77 2.95 13.27 -6.77
CA GLU A 77 4.16 14.08 -6.70
C GLU A 77 4.02 15.19 -5.67
N LEU A 78 5.03 15.33 -4.82
CA LEU A 78 5.12 16.47 -3.91
C LEU A 78 6.00 17.54 -4.56
N LYS A 79 5.44 18.73 -4.76
CA LYS A 79 6.13 19.77 -5.50
C LYS A 79 6.76 20.78 -4.55
N ASP A 80 7.97 21.22 -4.90
CA ASP A 80 8.69 22.26 -4.17
C ASP A 80 8.89 21.87 -2.70
N LEU A 81 9.33 20.64 -2.50
CA LEU A 81 9.69 20.15 -1.17
C LEU A 81 11.12 20.54 -0.85
N THR A 82 11.35 20.94 0.40
CA THR A 82 12.69 21.17 0.90
C THR A 82 13.19 19.90 1.57
N LEU A 83 14.28 19.35 1.07
CA LEU A 83 14.84 18.10 1.58
C LEU A 83 16.36 18.20 1.54
N PHE A 84 16.99 17.90 2.68
CA PHE A 84 18.46 17.93 2.80
C PHE A 84 19.04 19.25 2.34
N GLY A 85 18.34 20.35 2.64
CA GLY A 85 18.82 21.67 2.29
C GLY A 85 18.62 22.07 0.84
N ARG A 86 17.90 21.27 0.06
CA ARG A 86 17.65 21.56 -1.35
C ARG A 86 16.14 21.59 -1.59
N ARG A 87 15.72 22.36 -2.58
CA ARG A 87 14.33 22.36 -3.03
C ARG A 87 14.19 21.44 -4.24
N GLY A 88 13.12 20.67 -4.25
CA GLY A 88 12.91 19.80 -5.40
C GLY A 88 11.51 19.21 -5.37
N ASN A 89 11.30 18.29 -6.31
CA ASN A 89 10.05 17.54 -6.42
C ASN A 89 10.29 16.10 -6.03
N LEU A 90 9.39 15.54 -5.23
CA LEU A 90 9.48 14.15 -4.84
C LEU A 90 8.56 13.31 -5.73
N HIS A 91 9.14 12.38 -6.48
CA HIS A 91 8.40 11.54 -7.41
C HIS A 91 8.25 10.13 -6.86
N PHE A 92 7.18 9.47 -7.28
CA PHE A 92 6.78 8.16 -6.78
C PHE A 92 6.59 7.22 -7.96
N ILE A 93 7.39 6.14 -8.01
CA ILE A 93 7.51 5.29 -9.18
C ILE A 93 7.40 3.84 -8.72
N ARG A 94 6.71 3.01 -9.52
CA ARG A 94 6.56 1.61 -9.16
C ARG A 94 6.73 0.71 -10.39
N PHE A 95 7.19 -0.51 -10.14
CA PHE A 95 7.27 -1.51 -11.19
C PHE A 95 7.31 -2.88 -10.54
N PRO A 96 7.03 -3.96 -11.29
CA PRO A 96 6.99 -5.29 -10.68
C PRO A 96 8.38 -5.77 -10.28
N THR A 97 8.44 -6.39 -9.10
CA THR A 97 9.69 -6.98 -8.63
C THR A 97 10.23 -7.99 -9.64
N GLN A 98 9.34 -8.70 -10.34
CA GLN A 98 9.75 -9.61 -11.40
C GLN A 98 10.61 -8.93 -12.46
N ASP A 99 10.49 -7.61 -12.63
CA ASP A 99 11.24 -6.89 -13.64
C ASP A 99 12.48 -6.19 -13.08
N LEU A 100 12.83 -6.44 -11.83
CA LEU A 100 14.05 -5.87 -11.29
C LEU A 100 15.31 -6.23 -12.08
N PRO A 101 15.45 -7.44 -12.68
CA PRO A 101 16.61 -7.66 -13.55
C PRO A 101 16.73 -6.65 -14.68
N THR A 102 15.62 -6.23 -15.28
CA THR A 102 15.68 -5.17 -16.29
C THR A 102 16.17 -3.86 -15.70
N PHE A 103 15.66 -3.51 -14.51
CA PHE A 103 16.09 -2.30 -13.83
C PHE A 103 17.59 -2.32 -13.56
N ILE A 104 18.10 -3.45 -13.06
CA ILE A 104 19.53 -3.54 -12.75
C ILE A 104 20.36 -3.51 -14.03
N GLN A 105 19.86 -4.13 -15.11
CA GLN A 105 20.60 -4.10 -16.36
C GLN A 105 20.64 -2.71 -16.99
N MET A 106 19.56 -1.92 -16.82
CA MET A 106 19.63 -0.51 -17.22
C MET A 106 20.71 0.23 -16.44
N GLY A 107 20.83 -0.08 -15.14
CA GLY A 107 21.86 0.58 -14.34
C GLY A 107 23.26 0.23 -14.77
N ARG A 108 23.49 -1.03 -15.16
CA ARG A 108 24.82 -1.44 -15.60
C ARG A 108 25.18 -0.84 -16.96
N ASP A 109 24.18 -0.53 -17.78
CA ASP A 109 24.45 0.09 -19.08
C ASP A 109 24.90 1.55 -18.93
N LYS A 110 24.34 2.27 -17.96
CA LYS A 110 24.52 3.71 -17.84
C LYS A 110 25.44 4.11 -16.69
N ASN A 111 26.13 3.15 -16.06
CA ASN A 111 27.03 3.37 -14.94
C ASN A 111 26.31 3.81 -13.67
N PHE A 112 26.92 3.54 -12.51
CA PHE A 112 26.42 3.99 -11.22
C PHE A 112 27.43 3.67 -10.12
N THR A 117 26.99 6.53 -6.71
CA THR A 117 25.64 6.06 -6.41
C THR A 117 25.62 5.30 -5.09
N VAL A 118 24.86 5.81 -4.13
CA VAL A 118 24.61 5.15 -2.86
C VAL A 118 23.12 4.87 -2.79
N LEU A 119 22.76 3.59 -2.64
CA LEU A 119 21.36 3.19 -2.74
C LEU A 119 20.87 2.75 -1.37
N CYS A 120 19.96 3.53 -0.80
CA CYS A 120 19.26 3.13 0.41
C CYS A 120 18.04 2.31 0.01
N ALA A 121 17.96 1.08 0.51
CA ALA A 121 16.94 0.14 0.09
C ALA A 121 16.37 -0.59 1.28
N THR A 122 15.07 -0.88 1.21
CA THR A 122 14.38 -1.61 2.27
C THR A 122 13.51 -2.67 1.60
N GLY A 123 12.69 -3.36 2.40
CA GLY A 123 11.90 -4.47 1.91
C GLY A 123 12.71 -5.75 1.86
N GLY A 124 11.99 -6.87 1.72
CA GLY A 124 12.66 -8.16 1.64
C GLY A 124 13.67 -8.24 0.51
N GLY A 125 13.40 -7.56 -0.61
CA GLY A 125 14.31 -7.61 -1.74
C GLY A 125 15.63 -6.93 -1.53
N ALA A 126 15.73 -6.03 -0.54
CA ALA A 126 17.03 -5.43 -0.25
C ALA A 126 18.03 -6.47 0.23
N TYR A 127 17.54 -7.50 0.91
CA TYR A 127 18.38 -8.63 1.29
C TYR A 127 18.49 -9.66 0.16
N LYS A 128 17.35 -10.04 -0.43
CA LYS A 128 17.35 -11.12 -1.41
C LYS A 128 18.18 -10.76 -2.63
N PHE A 129 18.15 -9.50 -3.06
CA PHE A 129 18.83 -9.09 -4.28
C PHE A 129 20.06 -8.23 -4.02
N GLU A 130 20.58 -8.29 -2.79
CA GLU A 130 21.78 -7.51 -2.44
C GLU A 130 22.92 -7.76 -3.41
N LYS A 131 23.21 -9.04 -3.69
CA LYS A 131 24.33 -9.35 -4.59
C LYS A 131 24.08 -8.85 -6.01
N ASP A 132 22.81 -8.80 -6.43
CA ASP A 132 22.50 -8.32 -7.76
C ASP A 132 22.75 -6.82 -7.88
N PHE A 133 22.35 -6.05 -6.86
CA PHE A 133 22.64 -4.61 -6.89
C PHE A 133 24.14 -4.34 -6.96
N ARG A 134 24.95 -5.21 -6.35
CA ARG A 134 26.39 -4.97 -6.33
C ARG A 134 27.09 -5.38 -7.62
N THR A 135 26.35 -5.92 -8.61
CA THR A 135 26.89 -6.07 -9.95
C THR A 135 27.09 -4.72 -10.63
N ILE A 136 26.48 -3.67 -10.10
CA ILE A 136 26.74 -2.31 -10.56
C ILE A 136 28.01 -1.82 -9.86
N GLY A 137 29.05 -1.53 -10.64
CA GLY A 137 30.34 -1.26 -10.06
C GLY A 137 30.30 -0.10 -9.09
N ASN A 138 30.99 -0.28 -7.96
CA ASN A 138 31.18 0.73 -6.91
C ASN A 138 29.87 1.19 -6.28
N LEU A 139 28.75 0.52 -6.58
CA LEU A 139 27.48 0.87 -5.94
C LEU A 139 27.49 0.38 -4.50
N HIS A 140 27.14 1.27 -3.57
CA HIS A 140 27.02 0.92 -2.16
C HIS A 140 25.54 0.78 -1.83
N LEU A 141 25.15 -0.42 -1.41
CA LEU A 141 23.79 -0.70 -1.00
C LEU A 141 23.74 -0.70 0.52
N HIS A 142 22.84 0.10 1.08
CA HIS A 142 22.62 0.16 2.53
C HIS A 142 21.22 -0.35 2.80
N LYS A 143 21.13 -1.54 3.39
CA LYS A 143 19.85 -2.14 3.71
C LYS A 143 19.31 -1.51 4.98
N LEU A 144 18.11 -0.94 4.91
CA LEU A 144 17.52 -0.25 6.04
C LEU A 144 16.31 -1.02 6.54
N ASP A 145 16.09 -0.96 7.86
CA ASP A 145 15.02 -1.73 8.47
C ASP A 145 13.67 -1.28 7.93
N GLU A 146 12.86 -2.26 7.54
CA GLU A 146 11.55 -2.00 6.95
C GLU A 146 10.66 -1.23 7.92
N LEU A 147 10.74 -1.54 9.22
CA LEU A 147 9.88 -0.87 10.20
C LEU A 147 10.30 0.58 10.40
N ASP A 148 11.59 0.83 10.54
CA ASP A 148 12.06 2.20 10.65
C ASP A 148 11.69 3.00 9.41
N CYS A 149 11.78 2.39 8.23
CA CYS A 149 11.50 3.11 6.98
C CYS A 149 10.01 3.43 6.85
N LEU A 150 9.14 2.45 7.14
CA LEU A 150 7.71 2.69 7.01
C LEU A 150 7.25 3.79 7.96
N VAL A 151 7.65 3.70 9.23
CA VAL A 151 7.20 4.67 10.22
C VAL A 151 7.80 6.05 9.93
N LYS A 152 9.08 6.11 9.61
CA LYS A 152 9.73 7.39 9.33
C LYS A 152 9.12 8.04 8.08
N GLY A 153 8.85 7.25 7.04
CA GLY A 153 8.30 7.81 5.83
C GLY A 153 6.86 8.26 5.99
N LEU A 154 6.08 7.49 6.76
CA LEU A 154 4.70 7.86 7.04
C LEU A 154 4.62 9.17 7.81
N LEU A 155 5.39 9.27 8.90
CA LEU A 155 5.38 10.50 9.69
C LEU A 155 5.92 11.68 8.89
N TYR A 156 6.88 11.44 8.00
CA TYR A 156 7.45 12.55 7.24
C TYR A 156 6.45 13.12 6.26
N ILE A 157 5.80 12.26 5.47
CA ILE A 157 4.87 12.71 4.44
C ILE A 157 3.69 13.43 5.07
N ASP A 158 3.15 12.88 6.16
CA ASP A 158 2.07 13.60 6.82
C ASP A 158 2.56 14.94 7.38
N SER A 159 3.82 15.00 7.81
CA SER A 159 4.33 16.24 8.38
C SER A 159 4.46 17.33 7.32
N VAL A 160 4.89 16.98 6.10
CA VAL A 160 5.08 18.02 5.08
C VAL A 160 3.80 18.34 4.33
N SER A 161 2.77 17.51 4.46
CA SER A 161 1.45 17.61 3.81
C SER A 161 1.53 17.16 2.36
N PHE A 162 0.36 16.91 1.77
CA PHE A 162 0.25 16.52 0.37
C PHE A 162 -0.05 17.80 -0.41
N ASN A 163 1.02 18.55 -0.67
CA ASN A 163 0.94 19.84 -1.37
C ASN A 163 -0.11 20.75 -0.71
N GLY A 164 -0.05 20.84 0.61
CA GLY A 164 -0.95 21.68 1.37
C GLY A 164 -2.23 21.01 1.80
N GLN A 165 -2.53 19.83 1.28
CA GLN A 165 -3.70 19.07 1.66
C GLN A 165 -3.33 17.99 2.67
N ALA A 166 -4.35 17.45 3.33
CA ALA A 166 -4.13 16.36 4.27
C ALA A 166 -3.60 15.12 3.56
N GLU A 167 -2.60 14.49 4.16
CA GLU A 167 -2.17 13.19 3.70
C GLU A 167 -3.13 12.09 4.17
N CYS A 168 -3.77 12.28 5.32
CA CYS A 168 -4.61 11.25 5.93
C CYS A 168 -6.08 11.61 5.75
N TYR A 169 -6.91 10.58 5.49
CA TYR A 169 -8.33 10.78 5.31
C TYR A 169 -9.10 9.59 5.84
N TYR A 170 -10.40 9.79 6.02
CA TYR A 170 -11.32 8.73 6.42
C TYR A 170 -12.60 8.88 5.60
N PHE A 171 -13.46 7.88 5.67
CA PHE A 171 -14.76 7.93 5.00
C PHE A 171 -15.82 8.26 6.04
N ALA A 172 -16.32 9.49 6.00
CA ALA A 172 -17.32 9.93 6.95
C ALA A 172 -18.67 9.28 6.63
N ASN A 173 -19.43 8.98 7.69
CA ASN A 173 -20.75 8.36 7.58
C ASN A 173 -20.70 7.15 6.66
N ALA A 174 -19.73 6.27 6.90
CA ALA A 174 -19.54 5.09 6.06
C ALA A 174 -20.74 4.15 6.09
N SER A 175 -21.68 4.34 7.01
CA SER A 175 -22.84 3.47 7.11
C SER A 175 -23.83 3.74 5.98
N GLU A 176 -24.06 5.00 5.64
CA GLU A 176 -25.06 5.38 4.65
C GLU A 176 -24.40 5.76 3.34
N PRO A 177 -24.69 5.07 2.24
CA PRO A 177 -23.95 5.32 1.00
C PRO A 177 -24.22 6.68 0.38
N GLU A 178 -25.45 7.20 0.48
CA GLU A 178 -25.76 8.52 -0.05
C GLU A 178 -25.05 9.64 0.72
N ARG A 179 -24.42 9.32 1.86
CA ARG A 179 -23.68 10.29 2.63
C ARG A 179 -22.19 10.01 2.73
N CYS A 180 -21.77 8.76 2.49
CA CYS A 180 -20.38 8.38 2.67
C CYS A 180 -19.46 9.20 1.77
N GLN A 181 -18.48 9.88 2.37
CA GLN A 181 -17.58 10.71 1.60
C GLN A 181 -16.20 10.77 2.27
N LYS A 182 -15.18 10.83 1.42
CA LYS A 182 -13.81 11.01 1.86
C LYS A 182 -13.63 12.37 2.54
N MET A 183 -13.02 12.37 3.73
CA MET A 183 -12.83 13.59 4.51
C MET A 183 -11.45 13.57 5.17
N PRO A 184 -10.81 14.73 5.32
CA PRO A 184 -9.44 14.75 5.87
C PRO A 184 -9.42 14.46 7.36
N PHE A 185 -8.27 13.95 7.81
CA PHE A 185 -8.04 13.60 9.21
C PHE A 185 -6.68 14.11 9.65
N ASN A 186 -6.63 14.77 10.82
CA ASN A 186 -5.41 15.38 11.32
C ASN A 186 -4.59 14.37 12.13
N LEU A 187 -3.30 14.28 11.82
CA LEU A 187 -2.35 13.39 12.50
C LEU A 187 -1.18 14.17 13.09
N ASP A 188 -1.43 15.39 13.59
CA ASP A 188 -0.36 16.18 14.17
C ASP A 188 0.17 15.55 15.45
N ASP A 189 -0.72 15.00 16.27
CA ASP A 189 -0.32 14.14 17.38
C ASP A 189 -0.68 12.71 16.98
N PRO A 190 0.22 11.99 16.33
CA PRO A 190 -0.13 10.71 15.71
C PRO A 190 -0.09 9.50 16.63
N TYR A 191 0.29 9.67 17.90
CA TYR A 191 0.49 8.49 18.73
C TYR A 191 -0.62 8.35 19.76
N PRO A 192 -1.06 7.12 20.06
CA PRO A 192 -0.60 5.90 19.41
C PRO A 192 -1.33 5.63 18.09
N LEU A 193 -0.77 4.73 17.27
CA LEU A 193 -1.30 4.47 15.96
C LEU A 193 -1.08 3.00 15.63
N LEU A 194 -2.12 2.33 15.13
CA LEU A 194 -2.00 0.98 14.61
C LEU A 194 -1.91 1.05 13.09
N VAL A 195 -0.80 0.56 12.54
CA VAL A 195 -0.56 0.63 11.10
C VAL A 195 -0.74 -0.77 10.54
N VAL A 196 -1.63 -0.90 9.55
CA VAL A 196 -1.96 -2.18 8.93
C VAL A 196 -1.41 -2.11 7.50
N ASN A 197 -0.29 -2.80 7.27
CA ASN A 197 0.43 -2.76 6.00
C ASN A 197 -0.02 -3.94 5.16
N ILE A 198 -0.89 -3.68 4.19
CA ILE A 198 -1.44 -4.72 3.33
C ILE A 198 -0.62 -4.76 2.05
N GLY A 199 0.35 -5.66 2.01
CA GLY A 199 1.13 -5.90 0.80
C GLY A 199 0.76 -7.26 0.23
N SER A 200 1.77 -8.10 -0.06
CA SER A 200 1.48 -9.49 -0.41
C SER A 200 0.75 -10.20 0.72
N GLY A 201 1.21 -10.00 1.95
CA GLY A 201 0.55 -10.47 3.14
C GLY A 201 0.12 -9.26 3.95
N VAL A 202 0.10 -9.38 5.27
CA VAL A 202 -0.29 -8.25 6.14
C VAL A 202 0.65 -8.20 7.33
N SER A 203 1.23 -7.03 7.58
CA SER A 203 1.98 -6.76 8.79
C SER A 203 1.24 -5.72 9.61
N ILE A 204 1.18 -5.93 10.93
CA ILE A 204 0.45 -5.04 11.82
C ILE A 204 1.44 -4.46 12.82
N LEU A 205 1.52 -3.13 12.85
CA LEU A 205 2.50 -2.40 13.65
C LEU A 205 1.77 -1.56 14.68
N ALA A 206 2.34 -1.48 15.88
CA ALA A 206 1.87 -0.56 16.91
C ALA A 206 2.91 0.53 17.08
N VAL A 207 2.51 1.77 16.87
CA VAL A 207 3.42 2.91 16.93
C VAL A 207 3.02 3.73 18.14
N HIS A 208 3.88 3.73 19.16
CA HIS A 208 3.62 4.48 20.39
C HIS A 208 4.35 5.82 20.43
N SER A 209 5.49 5.93 19.76
CA SER A 209 6.20 7.19 19.64
C SER A 209 7.03 7.14 18.36
N LYS A 210 7.74 8.24 18.08
CA LYS A 210 8.61 8.28 16.91
C LYS A 210 9.78 7.31 17.03
N ASP A 211 10.07 6.83 18.23
CA ASP A 211 11.15 5.87 18.45
C ASP A 211 10.70 4.61 19.17
N ASN A 212 9.40 4.45 19.45
CA ASN A 212 8.88 3.28 20.14
C ASN A 212 7.76 2.67 19.30
N TYR A 213 8.09 1.63 18.55
CA TYR A 213 7.12 0.96 17.70
C TYR A 213 7.56 -0.49 17.54
N LYS A 214 6.59 -1.35 17.23
CA LYS A 214 6.82 -2.78 17.16
C LYS A 214 5.90 -3.38 16.11
N ARG A 215 6.29 -4.57 15.62
CA ARG A 215 5.40 -5.37 14.79
C ARG A 215 4.59 -6.29 15.71
N VAL A 216 3.30 -6.02 15.82
CA VAL A 216 2.43 -6.79 16.72
C VAL A 216 2.31 -8.22 16.24
N THR A 217 1.84 -8.39 15.00
CA THR A 217 1.69 -9.69 14.37
C THR A 217 1.49 -9.47 12.88
N GLY A 218 1.03 -10.49 12.18
CA GLY A 218 0.69 -10.36 10.77
C GLY A 218 -0.25 -11.46 10.38
N THR A 219 -0.72 -11.40 9.14
CA THR A 219 -1.49 -12.50 8.59
C THR A 219 -1.09 -12.70 7.14
N SER A 220 -1.14 -13.95 6.70
CA SER A 220 -0.77 -14.28 5.33
C SER A 220 -1.91 -14.10 4.35
N LEU A 221 -3.09 -13.67 4.80
CA LEU A 221 -4.21 -13.41 3.89
C LEU A 221 -4.21 -11.94 3.52
N GLY A 222 -3.45 -11.59 2.49
CA GLY A 222 -3.29 -10.22 2.08
C GLY A 222 -3.54 -10.02 0.60
N GLY A 223 -2.87 -9.01 0.04
CA GLY A 223 -3.09 -8.67 -1.35
C GLY A 223 -2.70 -9.76 -2.32
N GLY A 224 -1.65 -10.53 -1.99
CA GLY A 224 -1.26 -11.64 -2.86
C GLY A 224 -2.27 -12.76 -2.83
N THR A 225 -2.97 -12.93 -1.70
CA THR A 225 -4.05 -13.91 -1.63
C THR A 225 -5.21 -13.49 -2.50
N PHE A 226 -5.59 -12.20 -2.43
CA PHE A 226 -6.65 -11.71 -3.31
C PHE A 226 -6.31 -11.95 -4.77
N LEU A 227 -5.10 -11.55 -5.18
CA LEU A 227 -4.76 -11.61 -6.59
C LEU A 227 -4.51 -13.05 -7.04
N GLY A 228 -3.85 -13.86 -6.19
CA GLY A 228 -3.63 -15.25 -6.53
C GLY A 228 -4.92 -16.05 -6.63
N LEU A 229 -5.76 -15.98 -5.60
CA LEU A 229 -7.03 -16.70 -5.65
C LEU A 229 -7.91 -16.18 -6.78
N CYS A 230 -7.94 -14.86 -6.97
CA CYS A 230 -8.75 -14.30 -8.05
C CYS A 230 -8.32 -14.84 -9.40
N SER A 231 -7.02 -14.88 -9.66
CA SER A 231 -6.54 -15.38 -10.95
C SER A 231 -6.88 -16.86 -11.12
N LEU A 232 -6.72 -17.64 -10.06
CA LEU A 232 -7.09 -19.06 -10.12
C LEU A 232 -8.58 -19.23 -10.43
N LEU A 233 -9.44 -18.45 -9.78
CA LEU A 233 -10.88 -18.66 -9.86
C LEU A 233 -11.49 -18.04 -11.11
N THR A 234 -10.91 -16.97 -11.64
CA THR A 234 -11.54 -16.21 -12.72
C THR A 234 -10.70 -16.11 -13.98
N GLY A 235 -9.41 -16.38 -13.91
CA GLY A 235 -8.56 -16.21 -15.08
C GLY A 235 -8.14 -14.78 -15.36
N CYS A 236 -8.47 -13.84 -14.46
CA CYS A 236 -8.01 -12.47 -14.63
C CYS A 236 -6.49 -12.42 -14.71
N GLU A 237 -5.98 -11.43 -15.45
CA GLU A 237 -4.54 -11.35 -15.70
C GLU A 237 -3.91 -10.11 -15.07
N SER A 238 -4.63 -9.37 -14.24
CA SER A 238 -4.04 -8.20 -13.59
C SER A 238 -4.86 -7.85 -12.35
N PHE A 239 -4.20 -7.14 -11.43
CA PHE A 239 -4.89 -6.61 -10.26
C PHE A 239 -6.07 -5.74 -10.68
N GLU A 240 -5.88 -4.88 -11.67
CA GLU A 240 -6.95 -4.00 -12.13
C GLU A 240 -8.12 -4.79 -12.67
N GLU A 241 -7.87 -5.83 -13.48
CA GLU A 241 -8.96 -6.65 -13.99
C GLU A 241 -9.70 -7.36 -12.86
N ALA A 242 -8.96 -7.83 -11.84
CA ALA A 242 -9.60 -8.46 -10.69
C ALA A 242 -10.56 -7.50 -9.99
N LEU A 243 -10.16 -6.23 -9.85
CA LEU A 243 -11.04 -5.25 -9.24
C LEU A 243 -12.24 -4.94 -10.12
N GLU A 244 -12.03 -4.86 -11.44
CA GLU A 244 -13.15 -4.61 -12.35
C GLU A 244 -14.17 -5.72 -12.30
N MET A 245 -13.71 -6.98 -12.25
CA MET A 245 -14.64 -8.10 -12.09
C MET A 245 -15.40 -7.98 -10.78
N ALA A 246 -14.68 -7.73 -9.68
CA ALA A 246 -15.32 -7.66 -8.37
C ALA A 246 -16.38 -6.58 -8.33
N SER A 247 -16.13 -5.44 -8.98
CA SER A 247 -17.09 -4.35 -8.97
C SER A 247 -18.42 -4.76 -9.59
N LYS A 248 -18.44 -5.79 -10.44
CA LYS A 248 -19.64 -6.24 -11.12
C LYS A 248 -20.27 -7.46 -10.47
N GLY A 249 -19.64 -8.03 -9.45
CA GLY A 249 -20.10 -9.27 -8.87
C GLY A 249 -20.99 -9.09 -7.64
N ASP A 250 -21.56 -10.22 -7.22
CA ASP A 250 -22.38 -10.31 -6.01
C ASP A 250 -21.75 -11.40 -5.15
N SER A 251 -21.06 -11.00 -4.09
CA SER A 251 -20.37 -11.98 -3.23
C SER A 251 -21.34 -12.93 -2.54
N THR A 252 -22.60 -12.54 -2.37
CA THR A 252 -23.54 -13.42 -1.67
C THR A 252 -23.92 -14.64 -2.49
N GLN A 253 -23.57 -14.66 -3.78
CA GLN A 253 -23.77 -15.88 -4.57
C GLN A 253 -22.80 -16.98 -4.16
N ALA A 254 -21.63 -16.61 -3.63
CA ALA A 254 -20.64 -17.59 -3.18
C ALA A 254 -20.64 -17.77 -1.68
N ASP A 255 -20.85 -16.70 -0.93
CA ASP A 255 -20.80 -16.73 0.53
C ASP A 255 -22.11 -17.20 1.12
N LYS A 256 -22.02 -17.89 2.26
CA LYS A 256 -23.19 -18.23 3.06
C LYS A 256 -23.33 -17.17 4.14
N LEU A 257 -24.50 -16.55 4.21
CA LEU A 257 -24.75 -15.48 5.17
C LEU A 257 -25.43 -16.02 6.42
N VAL A 258 -25.47 -15.17 7.45
CA VAL A 258 -26.16 -15.56 8.68
C VAL A 258 -27.61 -15.92 8.38
N ARG A 259 -28.25 -15.20 7.45
CA ARG A 259 -29.63 -15.51 7.12
C ARG A 259 -29.78 -16.82 6.35
N ASP A 260 -28.74 -17.29 5.68
CA ASP A 260 -28.84 -18.59 5.02
C ASP A 260 -28.88 -19.73 6.02
N ILE A 261 -28.31 -19.52 7.21
CA ILE A 261 -28.23 -20.56 8.23
C ILE A 261 -29.39 -20.47 9.21
N TYR A 262 -29.75 -19.25 9.62
CA TYR A 262 -30.79 -19.03 10.60
C TYR A 262 -32.15 -18.66 10.00
N GLY A 263 -32.19 -18.25 8.74
CA GLY A 263 -33.41 -17.72 8.16
C GLY A 263 -33.63 -16.23 8.42
N GLY A 264 -32.72 -15.59 9.15
CA GLY A 264 -32.82 -14.18 9.48
C GLY A 264 -31.66 -13.76 10.36
N ASP A 265 -31.87 -12.78 11.22
CA ASP A 265 -30.82 -12.36 12.14
C ASP A 265 -30.62 -13.40 13.24
N TYR A 266 -29.43 -13.37 13.83
CA TYR A 266 -29.11 -14.12 15.05
C TYR A 266 -28.90 -13.12 16.18
N GLU A 267 -30.00 -12.51 16.62
CA GLU A 267 -29.93 -11.35 17.49
C GLU A 267 -29.55 -11.69 18.93
N ARG A 268 -29.54 -12.98 19.30
CA ARG A 268 -28.98 -13.36 20.60
C ARG A 268 -27.55 -12.85 20.74
N PHE A 269 -26.78 -12.89 19.66
CA PHE A 269 -25.40 -12.41 19.69
C PHE A 269 -25.20 -11.20 18.78
N GLY A 270 -26.26 -10.49 18.46
CA GLY A 270 -26.15 -9.28 17.66
C GLY A 270 -25.55 -9.50 16.28
N LEU A 271 -25.82 -10.64 15.65
CA LEU A 271 -25.26 -10.89 14.33
C LEU A 271 -26.34 -10.59 13.29
N PRO A 272 -26.15 -9.58 12.43
CA PRO A 272 -27.18 -9.28 11.44
C PRO A 272 -27.24 -10.35 10.37
N GLY A 273 -28.42 -10.45 9.75
CA GLY A 273 -28.63 -11.49 8.74
C GLY A 273 -27.70 -11.37 7.55
N TRP A 274 -27.17 -10.17 7.28
CA TRP A 274 -26.29 -9.95 6.15
C TRP A 274 -24.83 -10.26 6.44
N ALA A 275 -24.48 -10.51 7.70
CA ALA A 275 -23.09 -10.86 8.02
C ALA A 275 -22.71 -12.16 7.34
N VAL A 276 -21.47 -12.26 6.89
CA VAL A 276 -21.00 -13.48 6.25
C VAL A 276 -20.68 -14.51 7.32
N ALA A 277 -21.38 -15.64 7.28
CA ALA A 277 -21.10 -16.73 8.20
C ALA A 277 -20.02 -17.66 7.68
N SER A 278 -19.96 -17.87 6.37
CA SER A 278 -18.99 -18.79 5.79
C SER A 278 -18.60 -18.26 4.42
N SER A 279 -17.38 -17.75 4.31
CA SER A 279 -16.88 -17.26 3.03
C SER A 279 -16.76 -18.43 2.06
N PHE A 280 -17.26 -18.24 0.84
CA PHE A 280 -17.34 -19.30 -0.18
C PHE A 280 -18.18 -20.49 0.29
N GLY A 281 -18.95 -20.32 1.36
CA GLY A 281 -19.65 -21.44 1.96
C GLY A 281 -20.75 -22.03 1.09
N ASN A 282 -21.33 -21.22 0.21
CA ASN A 282 -22.32 -21.75 -0.72
C ASN A 282 -21.69 -22.56 -1.85
N MET A 283 -20.37 -22.53 -1.98
CA MET A 283 -19.69 -23.27 -3.03
C MET A 283 -19.48 -24.74 -2.68
N ILE A 284 -19.99 -25.21 -1.53
CA ILE A 284 -19.99 -26.66 -1.27
C ILE A 284 -21.07 -27.37 -2.06
N TYR A 285 -21.96 -26.63 -2.72
CA TYR A 285 -23.01 -27.23 -3.53
C TYR A 285 -22.64 -27.15 -5.00
N LYS A 286 -22.67 -28.29 -5.68
CA LYS A 286 -22.19 -28.34 -7.06
C LYS A 286 -23.04 -27.46 -7.97
N GLU A 287 -24.36 -27.44 -7.75
CA GLU A 287 -25.23 -26.62 -8.58
C GLU A 287 -24.92 -25.14 -8.43
N LYS A 288 -24.47 -24.72 -7.25
CA LYS A 288 -24.13 -23.31 -7.06
C LYS A 288 -22.76 -22.98 -7.66
N ARG A 289 -21.82 -23.93 -7.62
CA ARG A 289 -20.55 -23.73 -8.31
C ARG A 289 -20.75 -23.59 -9.81
N GLU A 290 -21.76 -24.27 -10.36
CA GLU A 290 -21.99 -24.21 -11.80
C GLU A 290 -22.74 -22.96 -12.24
N SER A 291 -23.35 -22.23 -11.31
CA SER A 291 -24.11 -21.04 -11.66
C SER A 291 -23.43 -19.73 -11.29
N VAL A 292 -22.40 -19.78 -10.45
CA VAL A 292 -21.70 -18.57 -10.03
C VAL A 292 -20.88 -18.01 -11.18
N SER A 293 -20.81 -16.69 -11.25
CA SER A 293 -20.03 -16.02 -12.28
C SER A 293 -18.62 -15.72 -11.77
N LYS A 294 -17.70 -15.46 -12.72
CA LYS A 294 -16.37 -15.01 -12.35
C LYS A 294 -16.44 -13.73 -11.53
N GLU A 295 -17.34 -12.81 -11.91
CA GLU A 295 -17.46 -11.56 -11.19
C GLU A 295 -17.89 -11.81 -9.74
N ASP A 296 -18.85 -12.71 -9.53
CA ASP A 296 -19.23 -13.08 -8.17
C ASP A 296 -18.05 -13.61 -7.37
N LEU A 297 -17.25 -14.49 -7.98
CA LEU A 297 -16.11 -15.08 -7.27
C LEU A 297 -15.05 -14.03 -6.99
N ALA A 298 -14.84 -13.09 -7.91
CA ALA A 298 -13.88 -12.02 -7.66
C ALA A 298 -14.34 -11.16 -6.48
N ARG A 299 -15.62 -10.83 -6.43
CA ARG A 299 -16.12 -10.01 -5.33
C ARG A 299 -16.06 -10.77 -4.01
N ALA A 300 -16.38 -12.06 -4.01
CA ALA A 300 -16.28 -12.84 -2.79
C ALA A 300 -14.83 -12.95 -2.32
N THR A 301 -13.89 -13.07 -3.26
CA THR A 301 -12.48 -13.07 -2.87
C THR A 301 -12.12 -11.75 -2.21
N LEU A 302 -12.51 -10.63 -2.83
CA LEU A 302 -12.21 -9.32 -2.27
C LEU A 302 -12.82 -9.16 -0.88
N VAL A 303 -14.10 -9.50 -0.75
CA VAL A 303 -14.81 -9.34 0.53
C VAL A 303 -14.18 -10.22 1.62
N THR A 304 -13.86 -11.48 1.27
CA THR A 304 -13.26 -12.40 2.23
C THR A 304 -11.94 -11.85 2.77
N ILE A 305 -11.05 -11.44 1.87
CA ILE A 305 -9.74 -10.95 2.29
C ILE A 305 -9.88 -9.66 3.09
N THR A 306 -10.73 -8.73 2.61
CA THR A 306 -10.86 -7.43 3.26
C THR A 306 -11.45 -7.56 4.66
N ASN A 307 -12.54 -8.32 4.80
CA ASN A 307 -13.12 -8.52 6.13
C ASN A 307 -12.13 -9.17 7.08
N ASN A 308 -11.36 -10.14 6.60
CA ASN A 308 -10.40 -10.79 7.48
C ASN A 308 -9.32 -9.81 7.95
N ILE A 309 -8.82 -8.97 7.04
CA ILE A 309 -7.85 -7.94 7.42
C ILE A 309 -8.44 -7.01 8.47
N GLY A 310 -9.67 -6.52 8.22
CA GLY A 310 -10.30 -5.63 9.17
C GLY A 310 -10.52 -6.27 10.52
N SER A 311 -10.92 -7.54 10.52
CA SER A 311 -11.19 -8.23 11.78
C SER A 311 -9.91 -8.42 12.57
N VAL A 312 -8.82 -8.79 11.90
CA VAL A 312 -7.53 -8.94 12.59
C VAL A 312 -7.04 -7.59 13.10
N ALA A 313 -7.22 -6.53 12.30
CA ALA A 313 -6.88 -5.18 12.75
C ALA A 313 -7.66 -4.81 14.01
N ARG A 314 -8.95 -5.15 14.05
CA ARG A 314 -9.77 -4.83 15.22
C ARG A 314 -9.26 -5.54 16.45
N MET A 315 -8.99 -6.84 16.34
CA MET A 315 -8.51 -7.60 17.50
C MET A 315 -7.18 -7.04 18.00
N CYS A 316 -6.29 -6.66 17.08
CA CYS A 316 -5.00 -6.09 17.51
C CYS A 316 -5.19 -4.72 18.15
N ALA A 317 -6.07 -3.89 17.58
CA ALA A 317 -6.34 -2.59 18.19
C ALA A 317 -6.89 -2.74 19.59
N VAL A 318 -7.79 -3.71 19.81
CA VAL A 318 -8.30 -3.92 21.16
C VAL A 318 -7.19 -4.38 22.09
N ASN A 319 -6.33 -5.28 21.63
CA ASN A 319 -5.25 -5.77 22.48
C ASN A 319 -4.23 -4.68 22.77
N GLU A 320 -3.92 -3.85 21.78
CA GLU A 320 -2.94 -2.79 21.95
C GLU A 320 -3.51 -1.53 22.60
N LYS A 321 -4.83 -1.48 22.81
CA LYS A 321 -5.50 -0.30 23.36
C LYS A 321 -5.24 0.94 22.50
N ILE A 322 -5.38 0.77 21.19
CA ILE A 322 -5.20 1.84 20.21
C ILE A 322 -6.50 1.94 19.42
N ASN A 323 -7.02 3.17 19.24
CA ASN A 323 -8.27 3.34 18.53
C ASN A 323 -8.13 3.91 17.11
N ARG A 324 -6.95 4.34 16.71
CA ARG A 324 -6.71 4.84 15.36
C ARG A 324 -6.00 3.77 14.55
N VAL A 325 -6.66 3.27 13.51
CA VAL A 325 -6.14 2.18 12.68
C VAL A 325 -5.96 2.71 11.26
N VAL A 326 -4.71 2.85 10.82
CA VAL A 326 -4.41 3.36 9.49
C VAL A 326 -3.96 2.21 8.60
N PHE A 327 -4.52 2.16 7.39
CA PHE A 327 -4.25 1.09 6.45
C PHE A 327 -3.36 1.61 5.33
N VAL A 328 -2.25 0.89 5.07
CA VAL A 328 -1.32 1.25 4.00
C VAL A 328 -1.01 0.02 3.15
N GLY A 329 -0.08 0.16 2.21
CA GLY A 329 0.18 -0.88 1.23
C GLY A 329 -0.40 -0.51 -0.12
N ASN A 330 -0.32 -1.46 -1.05
CA ASN A 330 -0.89 -1.24 -2.37
C ASN A 330 -2.10 -2.11 -2.67
N PHE A 331 -2.50 -2.99 -1.75
CA PHE A 331 -3.77 -3.69 -1.92
C PHE A 331 -4.92 -2.71 -2.07
N LEU A 332 -4.82 -1.54 -1.45
CA LEU A 332 -5.89 -0.56 -1.49
C LEU A 332 -5.71 0.48 -2.61
N ARG A 333 -4.64 0.40 -3.39
CA ARG A 333 -4.50 1.29 -4.53
C ARG A 333 -5.63 1.06 -5.52
N VAL A 334 -6.21 2.16 -6.01
CA VAL A 334 -7.41 2.24 -6.85
C VAL A 334 -8.46 1.21 -6.43
N ASN A 335 -8.60 1.00 -5.12
CA ASN A 335 -9.48 -0.04 -4.58
C ASN A 335 -10.45 0.60 -3.58
N THR A 336 -11.40 1.38 -4.09
CA THR A 336 -12.35 2.05 -3.20
C THR A 336 -13.29 1.05 -2.53
N LEU A 337 -13.60 -0.06 -3.21
CA LEU A 337 -14.47 -1.08 -2.62
C LEU A 337 -13.92 -1.57 -1.29
N SER A 338 -12.64 -1.96 -1.26
CA SER A 338 -12.05 -2.46 -0.03
C SER A 338 -11.93 -1.36 1.01
N MET A 339 -11.59 -0.14 0.59
CA MET A 339 -11.48 0.96 1.55
C MET A 339 -12.83 1.23 2.22
N LYS A 340 -13.90 1.33 1.42
CA LYS A 340 -15.21 1.60 2.01
C LYS A 340 -15.70 0.42 2.84
N LEU A 341 -15.36 -0.80 2.45
CA LEU A 341 -15.72 -1.96 3.26
C LEU A 341 -15.00 -1.92 4.60
N LEU A 342 -13.71 -1.59 4.59
CA LEU A 342 -12.98 -1.46 5.84
C LEU A 342 -13.54 -0.34 6.70
N ALA A 343 -13.88 0.79 6.09
CA ALA A 343 -14.41 1.92 6.84
C ALA A 343 -15.74 1.57 7.49
N TYR A 344 -16.65 0.96 6.73
CA TYR A 344 -17.96 0.61 7.29
C TYR A 344 -17.82 -0.50 8.32
N ALA A 345 -17.05 -1.54 8.01
CA ALA A 345 -17.03 -2.73 8.86
C ALA A 345 -16.29 -2.49 10.16
N LEU A 346 -15.16 -1.75 10.11
CA LEU A 346 -14.43 -1.47 11.34
C LEU A 346 -15.29 -0.63 12.29
N ASP A 347 -15.98 0.37 11.76
CA ASP A 347 -16.88 1.17 12.58
C ASP A 347 -18.02 0.32 13.13
N TYR A 348 -18.62 -0.52 12.29
CA TYR A 348 -19.78 -1.30 12.74
C TYR A 348 -19.40 -2.31 13.81
N TRP A 349 -18.40 -3.14 13.54
CA TRP A 349 -18.08 -4.21 14.48
C TRP A 349 -17.40 -3.71 15.75
N SER A 350 -16.82 -2.51 15.72
CA SER A 350 -16.25 -1.91 16.93
C SER A 350 -17.25 -1.06 17.69
N LYS A 351 -18.51 -1.02 17.26
CA LYS A 351 -19.52 -0.15 17.85
C LYS A 351 -19.07 1.31 17.85
N GLY A 352 -18.29 1.69 16.84
CA GLY A 352 -17.82 3.06 16.74
C GLY A 352 -16.60 3.38 17.56
N GLN A 353 -15.94 2.38 18.15
CA GLN A 353 -14.76 2.64 18.97
C GLN A 353 -13.48 2.73 18.16
N LEU A 354 -13.44 2.15 16.97
CA LEU A 354 -12.27 2.20 16.11
C LEU A 354 -12.60 2.97 14.84
N LYS A 355 -11.61 3.70 14.33
CA LYS A 355 -11.76 4.53 13.15
C LYS A 355 -10.76 4.08 12.10
N ALA A 356 -11.24 3.78 10.90
CA ALA A 356 -10.38 3.37 9.79
C ALA A 356 -9.81 4.61 9.09
N LEU A 357 -8.49 4.67 8.97
CA LEU A 357 -7.82 5.80 8.35
C LEU A 357 -7.02 5.35 7.15
N PHE A 358 -6.90 6.23 6.17
CA PHE A 358 -6.19 5.92 4.93
C PHE A 358 -5.24 7.05 4.62
N LEU A 359 -4.25 6.77 3.78
CA LEU A 359 -3.21 7.74 3.45
C LEU A 359 -3.01 7.79 1.94
N GLU A 360 -2.88 9.01 1.40
CA GLU A 360 -2.76 9.18 -0.04
C GLU A 360 -1.51 8.48 -0.59
N HIS A 361 -0.41 8.45 0.16
CA HIS A 361 0.84 7.85 -0.31
C HIS A 361 1.04 6.46 0.28
N GLU A 362 -0.04 5.69 0.39
CA GLU A 362 -0.06 4.46 1.19
C GLU A 362 0.92 3.40 0.68
N GLY A 363 1.26 3.39 -0.60
CA GLY A 363 2.18 2.36 -1.04
C GLY A 363 3.66 2.69 -0.91
N TYR A 364 4.00 3.94 -0.61
CA TYR A 364 5.35 4.45 -0.82
C TYR A 364 6.11 4.80 0.44
N PHE A 365 5.58 4.56 1.64
CA PHE A 365 6.22 5.09 2.83
C PHE A 365 7.58 4.43 3.09
N GLY A 366 7.69 3.13 2.85
CA GLY A 366 8.98 2.48 3.00
C GLY A 366 10.03 3.08 2.08
N ALA A 367 9.66 3.37 0.84
CA ALA A 367 10.62 3.96 -0.10
C ALA A 367 11.03 5.35 0.35
N VAL A 368 10.09 6.14 0.89
CA VAL A 368 10.44 7.48 1.37
C VAL A 368 11.34 7.38 2.60
N GLY A 369 11.00 6.50 3.53
CA GLY A 369 11.81 6.34 4.73
C GLY A 369 13.23 5.90 4.41
N ALA A 370 13.38 5.04 3.40
CA ALA A 370 14.71 4.67 2.94
C ALA A 370 15.47 5.87 2.42
N LEU A 371 14.83 6.68 1.57
CA LEU A 371 15.44 7.92 1.11
C LEU A 371 15.89 8.80 2.26
N LEU A 372 15.08 8.85 3.33
CA LEU A 372 15.39 9.71 4.47
C LEU A 372 16.59 9.22 5.27
N GLY A 373 17.03 7.97 5.07
CA GLY A 373 18.23 7.47 5.71
C GLY A 373 19.52 7.88 5.05
N LEU A 374 19.43 8.57 3.92
CA LEU A 374 20.62 8.93 3.16
C LEU A 374 21.65 9.74 3.94
N PRO A 375 21.29 10.69 4.82
CA PRO A 375 22.33 11.42 5.57
C PRO A 375 23.19 10.53 6.46
N ASN A 376 22.70 9.37 6.88
CA ASN A 376 23.51 8.48 7.71
C ASN A 376 24.70 7.90 6.96
N PHE A 377 24.77 8.06 5.65
CA PHE A 377 25.84 7.48 4.85
C PHE A 377 26.52 8.54 3.99
C10 A1AZA B . 7.01 -10.10 4.21
C13 A1AZA B . 2.91 -11.57 6.76
C15 A1AZA B . 3.05 -14.47 12.05
C20 A1AZA B . -0.56 -18.04 14.70
C22 A1AZA B . -1.66 -19.64 16.02
C26 A1AZA B . -0.62 -18.85 13.59
C28 A1AZA B . 1.19 -16.25 10.70
C02 A1AZA B . 2.96 -13.41 9.76
C03 A1AZA B . 2.73 -13.62 8.25
C04 A1AZA B . 3.55 -12.59 7.44
C05 A1AZA B . 4.94 -12.72 7.43
C07 A1AZA B . 5.70 -11.81 6.70
C08 A1AZA B . 5.06 -10.78 6.00
C09 A1AZA B . 5.90 -9.76 5.21
C11 A1AZA B . 7.30 -9.17 5.38
C12 A1AZA B . 3.67 -10.65 6.03
C16 A1AZA B . 1.69 -14.77 12.70
C18 A1AZA B . 0.38 -17.00 13.01
C23 A1AZA B . -1.76 -20.50 14.92
C25 A1AZA B . -1.23 -20.13 13.69
C29 A1AZA B . 2.58 -15.87 10.20
F06 A1AZA B . 5.53 -13.74 8.12
F24 A1AZA B . -2.34 -21.73 15.05
N14 A1AZA B . 2.88 -14.56 10.66
N17 A1AZA B . 1.07 -16.03 12.18
N19 A1AZA B . 0.09 -16.86 14.31
N21 A1AZA B . -1.08 -18.45 15.89
O01 A1AZA B . 3.21 -12.32 10.21
O27 A1AZA B . -0.03 -18.18 12.59
C ACT C . 4.72 0.72 2.80
O ACT C . 5.97 0.79 2.95
OXT ACT C . 3.98 -0.30 2.65
CH3 ACT C . 3.97 2.06 2.80
C1 EDO D . 2.85 -7.30 4.24
O1 EDO D . 3.11 -8.17 3.13
C2 EDO D . 3.61 -6.00 4.07
O2 EDO D . 5.00 -6.23 4.30
C1 EDO E . 2.95 -1.72 -12.69
O1 EDO E . 1.78 -2.53 -12.80
C2 EDO E . 3.55 -1.87 -11.29
O2 EDO E . 2.60 -1.41 -10.31
C1 EDO F . -2.27 -12.68 -13.36
O1 EDO F . -1.02 -13.30 -13.74
C2 EDO F . -2.22 -12.16 -11.93
O2 EDO F . -1.12 -11.26 -11.75
PG ANP G . 5.56 -7.36 0.75
O1G ANP G . 4.76 -8.34 1.48
O2G ANP G . 6.97 -7.97 0.54
O3G ANP G . 5.73 -6.05 1.59
PB ANP G . 4.89 -5.71 -1.47
O1B ANP G . 5.70 -4.71 -0.78
O2B ANP G . 5.33 -5.87 -2.95
N3B ANP G . 4.86 -7.15 -0.71
PA ANP G . 2.63 -3.86 -1.90
O1A ANP G . 3.38 -3.14 -3.03
O2A ANP G . 2.44 -2.94 -0.70
O3A ANP G . 3.39 -5.20 -1.47
O5' ANP G . 1.19 -4.36 -2.42
C5' ANP G . 1.08 -5.53 -3.21
C4' ANP G . -0.41 -5.74 -3.47
O4' ANP G . -0.94 -4.57 -4.10
C3' ANP G . -0.65 -6.90 -4.44
O3' ANP G . -0.77 -8.09 -3.67
C2' ANP G . -2.00 -6.50 -5.06
O2' ANP G . -3.10 -6.96 -4.25
C1' ANP G . -1.97 -4.93 -5.01
N9 ANP G . -1.62 -4.30 -6.27
C8 ANP G . -1.96 -3.02 -6.61
N7 ANP G . -1.46 -2.74 -7.81
C5 ANP G . -0.80 -3.82 -8.27
C6 ANP G . -0.09 -4.08 -9.45
N6 ANP G . 0.01 -3.10 -10.44
N1 ANP G . 0.47 -5.28 -9.62
C2 ANP G . 0.34 -6.17 -8.66
N3 ANP G . -0.30 -6.00 -7.52
C4 ANP G . -0.88 -4.83 -7.29
MG MG H . 5.95 -4.08 1.12
#